data_3UZD
#
_entry.id   3UZD
#
_cell.length_a   60.511
_cell.length_b   79.230
_cell.length_c   122.232
_cell.angle_alpha   90.00
_cell.angle_beta   90.00
_cell.angle_gamma   90.00
#
_symmetry.space_group_name_H-M   'I 2 2 2'
#
loop_
_entity.id
_entity.type
_entity.pdbx_description
1 polymer '14-3-3 protein gamma'
2 polymer 'Histone deacetylase 4'
3 non-polymer 'NITRATE ION'
4 non-polymer 'MAGNESIUM ION'
5 water water
#
loop_
_entity_poly.entity_id
_entity_poly.type
_entity_poly.pdbx_seq_one_letter_code
_entity_poly.pdbx_strand_id
1 'polypeptide(L)'
;MVDREQLVQKARLAEQAERYDDMAAAMKNVTELNEPLSNEERNLLSVAYKNVVGARRSSWRVISSIEQKTSADGNEKKIE
MVRAYREKIEKELEAVCQDVLSLLDNYLIKNCSETQYESKVFYLKMKGDYYRYLAEVATGEKRATVVESSEKAYSEAHEI
SKEHMQPTHPIRLGLALNYSVFYYEIQNAPEQACHLAKTAFDDAIAELDTLNEDSYKDSTLIMQLLRDNLTLWTSDQQDD
DGGEGNNS
;
A
2 'polypeptide(L)' LPLYTSP(SEP)LPNITLGLP B
#
# COMPACT_ATOMS: atom_id res chain seq x y z
N VAL A 2 -2.30 28.45 -4.99
CA VAL A 2 -3.51 27.66 -5.03
C VAL A 2 -4.15 27.58 -3.66
N ASP A 3 -5.44 27.34 -3.65
CA ASP A 3 -6.16 26.94 -2.44
C ASP A 3 -6.17 25.41 -2.39
N ARG A 4 -6.70 24.87 -1.31
CA ARG A 4 -6.72 23.42 -1.12
C ARG A 4 -7.70 22.79 -2.11
N GLU A 5 -8.85 23.42 -2.31
CA GLU A 5 -9.86 22.91 -3.21
C GLU A 5 -9.35 22.76 -4.63
N GLN A 6 -8.54 23.73 -5.04
CA GLN A 6 -7.92 23.71 -6.33
C GLN A 6 -6.86 22.59 -6.47
N LEU A 7 -6.04 22.36 -5.45
CA LEU A 7 -5.10 21.23 -5.53
C LEU A 7 -5.86 19.92 -5.68
N VAL A 8 -6.94 19.79 -4.92
CA VAL A 8 -7.69 18.54 -4.97
C VAL A 8 -8.40 18.39 -6.33
N GLN A 9 -8.96 19.47 -6.84
CA GLN A 9 -9.50 19.46 -8.18
C GLN A 9 -8.41 19.11 -9.21
N LYS A 10 -7.21 19.65 -9.06
CA LYS A 10 -6.11 19.27 -9.96
C LYS A 10 -5.82 17.78 -9.84
N ALA A 11 -5.84 17.23 -8.62
CA ALA A 11 -5.58 15.79 -8.49
C ALA A 11 -6.63 14.98 -9.22
N ARG A 12 -7.91 15.38 -9.14
CA ARG A 12 -8.99 14.64 -9.78
C ARG A 12 -8.85 14.69 -11.30
N LEU A 13 -8.41 15.83 -11.83
CA LEU A 13 -8.24 15.98 -13.28
C LEU A 13 -7.04 15.18 -13.74
N ALA A 14 -5.99 15.16 -12.92
CA ALA A 14 -4.73 14.50 -13.28
C ALA A 14 -5.02 13.02 -13.34
N GLU A 15 -5.81 12.53 -12.41
CA GLU A 15 -6.25 11.15 -12.41
C GLU A 15 -6.97 10.77 -13.67
N GLN A 16 -7.94 11.54 -14.06
CA GLN A 16 -8.67 11.21 -15.23
C GLN A 16 -7.77 11.24 -16.45
N ALA A 17 -6.77 12.07 -16.45
CA ALA A 17 -5.83 12.21 -17.56
C ALA A 17 -4.65 11.19 -17.50
N GLU A 18 -4.69 10.33 -16.50
CA GLU A 18 -3.62 9.38 -16.26
C GLU A 18 -2.28 10.07 -16.16
N ARG A 19 -2.27 11.22 -15.55
CA ARG A 19 -1.01 11.91 -15.28
C ARG A 19 -0.70 11.78 -13.80
N TYR A 20 -0.13 10.63 -13.39
CA TYR A 20 -0.06 10.34 -11.98
C TYR A 20 1.03 11.07 -11.22
N ASP A 21 2.06 11.53 -11.93
CA ASP A 21 3.07 12.35 -11.29
C ASP A 21 2.45 13.67 -10.83
N ASP A 22 1.63 14.28 -11.69
CA ASP A 22 0.86 15.49 -11.37
C ASP A 22 -0.10 15.22 -10.21
N MET A 23 -0.83 14.11 -10.27
CA MET A 23 -1.78 13.76 -9.20
C MET A 23 -1.03 13.65 -7.82
N ALA A 24 0.10 12.95 -7.80
CA ALA A 24 0.84 12.76 -6.57
C ALA A 24 1.40 14.10 -6.05
N ALA A 25 1.95 14.91 -6.96
CA ALA A 25 2.48 16.22 -6.55
C ALA A 25 1.37 17.14 -5.98
N ALA A 26 0.14 17.05 -6.50
CA ALA A 26 -0.96 17.87 -5.96
C ALA A 26 -1.34 17.38 -4.57
N MET A 27 -1.40 16.07 -4.40
CA MET A 27 -1.79 15.50 -3.11
C MET A 27 -0.72 15.63 -2.02
N LYS A 28 0.54 15.61 -2.44
CA LYS A 28 1.67 15.93 -1.51
C LYS A 28 1.54 17.37 -1.05
N ASN A 29 1.29 18.28 -2.00
CA ASN A 29 1.06 19.68 -1.68
C ASN A 29 -0.10 19.84 -0.68
N VAL A 30 -1.21 19.10 -0.90
CA VAL A 30 -2.34 19.14 0.02
C VAL A 30 -1.89 18.68 1.41
N THR A 31 -1.18 17.56 1.46
CA THR A 31 -0.65 17.07 2.74
C THR A 31 0.24 18.12 3.43
N GLU A 32 1.08 18.81 2.66
CA GLU A 32 1.98 19.81 3.19
C GLU A 32 1.32 21.09 3.68
N LEU A 33 0.00 21.23 3.46
CA LEU A 33 -0.76 22.33 4.10
C LEU A 33 -0.84 22.07 5.59
N ASN A 34 -0.55 20.84 5.98
CA ASN A 34 -0.30 20.50 7.37
C ASN A 34 -1.60 20.44 8.16
N GLU A 35 -2.66 19.94 7.52
CA GLU A 35 -3.93 19.68 8.22
C GLU A 35 -4.27 18.21 7.95
N PRO A 36 -5.21 17.63 8.73
CA PRO A 36 -5.64 16.27 8.39
C PRO A 36 -6.20 16.15 6.96
N LEU A 37 -6.36 15.00 6.35
CA LEU A 37 -6.98 14.77 5.05
C LEU A 37 -8.38 14.22 5.26
N SER A 38 -9.30 14.60 4.38
CA SER A 38 -10.65 14.04 4.38
C SER A 38 -10.60 12.70 3.64
N ASN A 39 -11.58 11.83 3.91
CA ASN A 39 -11.57 10.50 3.29
C ASN A 39 -11.20 10.56 1.81
N GLU A 40 -11.79 11.50 1.10
CA GLU A 40 -11.52 11.61 -0.33
C GLU A 40 -10.05 11.97 -0.57
N GLU A 41 -9.50 12.86 0.28
CA GLU A 41 -8.08 13.28 0.12
C GLU A 41 -7.09 12.15 0.38
N ARG A 42 -7.51 11.37 1.38
N ARG A 42 -7.38 11.37 1.42
CA ARG A 42 -6.77 10.17 1.76
CA ARG A 42 -6.68 10.14 1.75
C ARG A 42 -6.67 9.18 0.60
C ARG A 42 -6.62 9.20 0.54
N ASN A 43 -7.77 9.02 -0.12
CA ASN A 43 -7.94 8.04 -1.21
C ASN A 43 -7.21 8.56 -2.43
N LEU A 44 -7.28 9.87 -2.67
CA LEU A 44 -6.58 10.47 -3.82
C LEU A 44 -5.05 10.35 -3.65
N LEU A 45 -4.58 10.63 -2.45
CA LEU A 45 -3.15 10.48 -2.12
C LEU A 45 -2.70 9.05 -2.41
N SER A 46 -3.47 8.09 -1.89
CA SER A 46 -3.08 6.69 -2.01
C SER A 46 -3.11 6.23 -3.47
N VAL A 47 -4.19 6.58 -4.18
CA VAL A 47 -4.30 6.28 -5.62
C VAL A 47 -3.11 6.83 -6.44
N ALA A 48 -2.79 8.10 -6.18
CA ALA A 48 -1.71 8.79 -6.87
C ALA A 48 -0.41 8.02 -6.66
N TYR A 49 -0.05 7.79 -5.40
CA TYR A 49 1.27 7.21 -5.17
C TYR A 49 1.34 5.74 -5.55
N LYS A 50 0.22 5.03 -5.43
CA LYS A 50 0.19 3.65 -5.85
C LYS A 50 0.49 3.54 -7.33
N ASN A 51 -0.04 4.47 -8.12
CA ASN A 51 0.22 4.51 -9.55
C ASN A 51 1.65 4.88 -9.91
N VAL A 52 2.20 5.85 -9.18
CA VAL A 52 3.58 6.25 -9.40
C VAL A 52 4.52 5.09 -9.05
N VAL A 53 4.42 4.57 -7.83
CA VAL A 53 5.29 3.48 -7.46
C VAL A 53 5.05 2.22 -8.34
N GLY A 54 3.80 1.99 -8.71
CA GLY A 54 3.43 0.81 -9.50
C GLY A 54 4.19 0.80 -10.85
N ALA A 55 4.21 1.86 -11.63
CA ALA A 55 4.71 1.67 -13.00
C ALA A 55 6.11 1.04 -12.97
N ARG A 56 6.90 1.69 -12.12
CA ARG A 56 8.26 1.33 -11.81
C ARG A 56 8.25 0.00 -11.09
N ARG A 57 7.33 -0.20 -10.14
CA ARG A 57 7.29 -1.56 -9.61
C ARG A 57 7.17 -2.61 -10.75
N SER A 58 6.76 -2.13 -11.92
CA SER A 58 6.55 -2.90 -13.14
C SER A 58 7.86 -2.84 -14.01
N SER A 59 8.40 -1.64 -14.16
CA SER A 59 9.61 -1.46 -14.96
C SER A 59 10.79 -2.26 -14.34
N TRP A 60 10.91 -2.24 -13.02
CA TRP A 60 11.97 -2.93 -12.32
C TRP A 60 11.89 -4.44 -12.55
N ARG A 61 10.67 -4.97 -12.57
CA ARG A 61 10.50 -6.41 -12.76
C ARG A 61 10.92 -6.77 -14.14
N VAL A 62 10.56 -5.94 -15.13
CA VAL A 62 10.96 -6.19 -16.49
C VAL A 62 12.48 -6.17 -16.70
N ILE A 63 13.14 -5.10 -16.23
CA ILE A 63 14.60 -4.97 -16.41
C ILE A 63 15.34 -6.03 -15.57
N SER A 64 14.81 -6.35 -14.39
CA SER A 64 15.43 -7.43 -13.59
C SER A 64 15.37 -8.76 -14.32
N SER A 65 14.26 -9.00 -15.01
CA SER A 65 14.10 -10.23 -15.77
C SER A 65 15.06 -10.31 -16.97
N ILE A 66 15.22 -9.19 -17.67
CA ILE A 66 16.19 -9.10 -18.78
C ILE A 66 17.58 -9.34 -18.23
N GLU A 67 17.85 -8.72 -17.09
CA GLU A 67 19.13 -8.94 -16.39
C GLU A 67 19.44 -10.42 -16.13
N GLN A 68 18.50 -11.14 -15.52
CA GLN A 68 18.64 -12.58 -15.24
C GLN A 68 18.79 -13.45 -16.51
N LYS A 69 17.95 -13.19 -17.52
CA LYS A 69 18.09 -13.85 -18.83
C LYS A 69 19.38 -13.46 -19.55
N THR A 70 19.78 -12.18 -19.49
CA THR A 70 20.97 -11.67 -20.23
C THR A 70 22.31 -12.14 -19.62
N SER A 71 22.39 -12.17 -18.28
CA SER A 71 23.62 -12.50 -17.58
C SER A 71 23.81 -14.01 -17.44
N ASN A 75 28.05 -9.46 -24.57
CA ASN A 75 27.64 -9.96 -23.29
C ASN A 75 27.93 -8.92 -22.26
N GLU A 76 29.14 -8.42 -22.26
CA GLU A 76 29.46 -7.45 -21.25
C GLU A 76 29.72 -6.07 -21.77
N LYS A 78 26.79 -4.55 -22.37
CA LYS A 78 25.38 -4.89 -22.31
C LYS A 78 25.00 -5.14 -20.87
N ILE A 79 25.54 -6.20 -20.30
CA ILE A 79 25.30 -6.47 -18.89
C ILE A 79 25.50 -5.20 -18.05
N GLU A 80 26.59 -4.47 -18.29
CA GLU A 80 26.82 -3.19 -17.59
C GLU A 80 25.63 -2.24 -17.72
N MET A 81 25.11 -2.12 -18.94
CA MET A 81 23.96 -1.26 -19.22
C MET A 81 22.74 -1.73 -18.44
N VAL A 82 22.29 -2.95 -18.73
CA VAL A 82 21.13 -3.52 -18.05
C VAL A 82 21.21 -3.25 -16.55
N ARG A 83 22.32 -3.66 -15.94
CA ARG A 83 22.53 -3.44 -14.50
C ARG A 83 22.38 -1.96 -14.11
N ALA A 84 23.06 -1.06 -14.85
CA ALA A 84 22.97 0.39 -14.57
C ALA A 84 21.50 0.86 -14.60
N TYR A 85 20.77 0.51 -15.66
CA TYR A 85 19.38 0.88 -15.82
C TYR A 85 18.49 0.32 -14.69
N ARG A 86 18.72 -0.93 -14.29
CA ARG A 86 17.98 -1.50 -13.17
C ARG A 86 18.16 -0.62 -11.93
N GLU A 87 19.42 -0.38 -11.58
CA GLU A 87 19.81 0.50 -10.45
C GLU A 87 19.19 1.92 -10.54
N LYS A 88 19.10 2.48 -11.75
CA LYS A 88 18.42 3.78 -11.91
C LYS A 88 16.93 3.71 -11.55
N ILE A 89 16.25 2.72 -12.11
CA ILE A 89 14.85 2.49 -11.78
C ILE A 89 14.69 2.21 -10.26
N GLU A 90 15.55 1.40 -9.70
CA GLU A 90 15.56 1.12 -8.28
C GLU A 90 15.63 2.38 -7.45
N LYS A 91 16.54 3.26 -7.80
CA LYS A 91 16.70 4.51 -7.04
C LYS A 91 15.46 5.39 -7.15
N GLU A 92 14.84 5.43 -8.33
CA GLU A 92 13.58 6.13 -8.47
C GLU A 92 12.51 5.53 -7.55
N LEU A 93 12.38 4.21 -7.60
CA LEU A 93 11.39 3.51 -6.80
C LEU A 93 11.61 3.74 -5.29
N GLU A 94 12.87 3.70 -4.86
CA GLU A 94 13.18 3.97 -3.45
C GLU A 94 12.81 5.41 -3.05
N ALA A 95 13.07 6.37 -3.93
CA ALA A 95 12.77 7.77 -3.66
C ALA A 95 11.26 8.02 -3.59
N VAL A 96 10.49 7.35 -4.46
CA VAL A 96 9.03 7.43 -4.34
C VAL A 96 8.57 6.91 -2.95
N CYS A 97 9.10 5.76 -2.54
CA CYS A 97 8.70 5.17 -1.27
C CYS A 97 9.06 6.08 -0.13
N GLN A 98 10.20 6.63 -0.16
CA GLN A 98 10.65 7.51 0.91
C GLN A 98 9.81 8.81 0.90
N ASP A 99 9.40 9.24 -0.29
CA ASP A 99 8.54 10.41 -0.43
C ASP A 99 7.22 10.20 0.32
N VAL A 100 6.65 9.01 0.17
CA VAL A 100 5.37 8.66 0.84
C VAL A 100 5.61 8.43 2.34
N LEU A 101 6.70 7.76 2.66
CA LEU A 101 6.94 7.38 4.03
C LEU A 101 7.20 8.62 4.92
N SER A 102 7.86 9.61 4.35
CA SER A 102 8.04 10.85 5.09
C SER A 102 6.73 11.68 5.23
N LEU A 103 5.84 11.60 4.24
CA LEU A 103 4.49 12.20 4.42
C LEU A 103 3.75 11.49 5.56
N LEU A 104 3.83 10.18 5.56
CA LEU A 104 3.20 9.40 6.61
C LEU A 104 3.82 9.72 7.98
N ASP A 105 5.14 9.68 8.09
CA ASP A 105 5.78 9.80 9.40
C ASP A 105 5.73 11.23 9.92
N ASN A 106 5.79 12.22 9.03
CA ASN A 106 6.04 13.58 9.48
C ASN A 106 4.74 14.38 9.51
N TYR A 107 3.68 13.82 8.94
CA TYR A 107 2.39 14.54 8.89
C TYR A 107 1.26 13.63 9.30
N LEU A 108 1.00 12.61 8.49
CA LEU A 108 -0.30 11.96 8.51
C LEU A 108 -0.48 11.10 9.75
N ILE A 109 0.47 10.19 9.99
CA ILE A 109 0.49 9.45 11.24
C ILE A 109 0.78 10.43 12.38
N LYS A 110 1.76 11.28 12.23
CA LYS A 110 2.17 12.11 13.33
C LYS A 110 1.00 12.85 13.93
N ASN A 111 0.15 13.41 13.09
CA ASN A 111 -0.87 14.36 13.56
C ASN A 111 -2.25 13.83 13.57
N CYS A 112 -2.41 12.55 13.31
CA CYS A 112 -3.72 11.92 13.26
C CYS A 112 -4.39 11.99 14.65
N SER A 113 -5.63 12.49 14.73
CA SER A 113 -6.23 12.68 16.06
C SER A 113 -6.64 11.33 16.67
N GLU A 114 -6.77 11.27 18.00
CA GLU A 114 -6.83 9.98 18.71
C GLU A 114 -7.99 9.10 18.23
N THR A 115 -9.11 9.76 17.91
CA THR A 115 -10.39 9.06 17.65
C THR A 115 -10.63 8.65 16.19
N GLN A 116 -9.67 9.00 15.34
CA GLN A 116 -9.65 8.74 13.94
C GLN A 116 -8.98 7.41 13.69
N TYR A 117 -9.58 6.35 14.17
CA TYR A 117 -8.94 5.00 14.10
C TYR A 117 -8.82 4.54 12.69
N GLU A 118 -9.70 4.86 11.87
CA GLU A 118 -9.74 4.40 10.48
C GLU A 118 -8.58 5.03 9.69
N SER A 119 -8.44 6.34 9.89
CA SER A 119 -7.26 7.00 9.32
C SER A 119 -5.95 6.39 9.80
N LYS A 120 -5.88 6.13 11.10
CA LYS A 120 -4.66 5.56 11.68
C LYS A 120 -4.30 4.26 10.99
N VAL A 121 -5.28 3.38 10.84
CA VAL A 121 -5.05 2.07 10.33
C VAL A 121 -4.73 2.24 8.82
N PHE A 122 -5.48 3.09 8.13
CA PHE A 122 -5.23 3.32 6.69
C PHE A 122 -3.75 3.78 6.50
N TYR A 123 -3.26 4.68 7.35
CA TYR A 123 -1.89 5.19 7.15
C TYR A 123 -0.81 4.19 7.57
N LEU A 124 -1.06 3.46 8.66
CA LEU A 124 -0.14 2.40 9.07
C LEU A 124 -0.08 1.28 8.03
N LYS A 125 -1.21 0.94 7.40
CA LYS A 125 -1.19 -0.03 6.34
C LYS A 125 -0.34 0.52 5.18
N MET A 126 -0.55 1.80 4.78
CA MET A 126 0.27 2.41 3.70
C MET A 126 1.74 2.31 4.07
N LYS A 127 2.08 2.61 5.33
CA LYS A 127 3.47 2.52 5.80
C LYS A 127 4.00 1.08 5.63
N GLY A 128 3.21 0.09 6.02
CA GLY A 128 3.57 -1.33 5.74
C GLY A 128 3.79 -1.59 4.25
N ASP A 129 2.84 -1.11 3.43
CA ASP A 129 2.90 -1.32 1.96
C ASP A 129 4.20 -0.74 1.40
N TYR A 130 4.52 0.50 1.75
CA TYR A 130 5.67 1.14 1.06
C TYR A 130 7.02 0.63 1.57
N TYR A 131 7.11 0.23 2.84
CA TYR A 131 8.28 -0.55 3.26
C TYR A 131 8.38 -1.93 2.54
N ARG A 132 7.23 -2.58 2.31
CA ARG A 132 7.19 -3.82 1.56
C ARG A 132 7.66 -3.59 0.09
N TYR A 133 7.31 -2.46 -0.52
CA TYR A 133 7.81 -2.20 -1.87
C TYR A 133 9.32 -2.00 -1.83
N LEU A 134 9.82 -1.36 -0.76
CA LEU A 134 11.27 -1.20 -0.63
C LEU A 134 11.91 -2.58 -0.43
N ALA A 135 11.25 -3.44 0.34
CA ALA A 135 11.79 -4.79 0.56
C ALA A 135 11.88 -5.65 -0.69
N GLU A 136 10.96 -5.44 -1.63
CA GLU A 136 10.95 -6.13 -2.91
C GLU A 136 12.27 -5.97 -3.68
N VAL A 137 12.91 -4.82 -3.50
CA VAL A 137 14.15 -4.53 -4.20
C VAL A 137 15.41 -4.54 -3.34
N ALA A 138 15.25 -4.45 -2.02
CA ALA A 138 16.40 -4.36 -1.13
C ALA A 138 17.11 -5.71 -1.05
N THR A 139 18.42 -5.66 -0.73
CA THR A 139 19.15 -6.87 -0.33
C THR A 139 19.93 -6.64 0.97
N GLY A 140 20.48 -7.72 1.54
CA GLY A 140 21.49 -7.57 2.60
C GLY A 140 20.87 -6.97 3.87
N GLU A 141 21.67 -6.19 4.61
CA GLU A 141 21.19 -5.56 5.84
C GLU A 141 20.05 -4.55 5.57
N LYS A 142 20.09 -3.91 4.40
CA LYS A 142 19.03 -2.96 4.00
C LYS A 142 17.69 -3.66 3.90
N ARG A 143 17.68 -4.85 3.31
CA ARG A 143 16.45 -5.64 3.26
C ARG A 143 15.91 -5.97 4.67
N ALA A 144 16.78 -6.45 5.54
CA ALA A 144 16.41 -6.81 6.92
C ALA A 144 15.72 -5.62 7.59
N THR A 145 16.32 -4.42 7.47
CA THR A 145 15.75 -3.21 8.06
C THR A 145 14.33 -2.87 7.52
N VAL A 146 14.16 -2.84 6.20
CA VAL A 146 12.85 -2.46 5.65
C VAL A 146 11.78 -3.53 5.91
N VAL A 147 12.21 -4.80 5.91
CA VAL A 147 11.29 -5.87 6.26
C VAL A 147 10.78 -5.72 7.70
N GLU A 148 11.69 -5.42 8.63
CA GLU A 148 11.31 -5.21 10.02
C GLU A 148 10.30 -4.05 10.14
N SER A 149 10.61 -2.96 9.46
CA SER A 149 9.77 -1.75 9.46
C SER A 149 8.40 -2.02 8.83
N SER A 150 8.36 -2.78 7.72
CA SER A 150 7.07 -3.17 7.12
C SER A 150 6.23 -3.96 8.15
N GLU A 151 6.90 -4.94 8.86
CA GLU A 151 6.06 -5.79 9.70
C GLU A 151 5.60 -4.98 10.94
N LYS A 152 6.44 -4.14 11.41
CA LYS A 152 6.09 -3.33 12.58
C LYS A 152 4.85 -2.46 12.24
N ALA A 153 4.82 -1.87 11.03
CA ALA A 153 3.73 -1.02 10.62
C ALA A 153 2.45 -1.84 10.45
N TYR A 154 2.55 -2.99 9.77
CA TYR A 154 1.37 -3.83 9.62
C TYR A 154 0.83 -4.34 10.97
N SER A 155 1.73 -4.75 11.86
CA SER A 155 1.35 -5.27 13.17
C SER A 155 0.59 -4.18 13.97
N GLU A 156 1.07 -2.94 13.95
CA GLU A 156 0.38 -1.89 14.69
C GLU A 156 -1.00 -1.59 14.10
N ALA A 157 -1.07 -1.51 12.77
CA ALA A 157 -2.34 -1.36 12.08
C ALA A 157 -3.33 -2.49 12.46
N HIS A 158 -2.79 -3.70 12.56
CA HIS A 158 -3.59 -4.88 12.87
C HIS A 158 -4.20 -4.79 14.26
N GLU A 159 -3.41 -4.32 15.22
CA GLU A 159 -3.84 -4.21 16.61
C GLU A 159 -4.91 -3.14 16.76
N ILE A 160 -4.74 -2.05 16.07
CA ILE A 160 -5.72 -0.97 16.18
C ILE A 160 -7.03 -1.42 15.50
N SER A 161 -6.90 -2.00 14.30
CA SER A 161 -8.10 -2.42 13.60
C SER A 161 -8.91 -3.52 14.34
N LYS A 162 -8.21 -4.44 15.03
CA LYS A 162 -8.87 -5.48 15.79
C LYS A 162 -9.68 -4.86 16.92
N GLU A 163 -9.17 -3.78 17.49
CA GLU A 163 -9.80 -3.19 18.66
C GLU A 163 -10.95 -2.26 18.31
N HIS A 164 -10.81 -1.57 17.18
CA HIS A 164 -11.68 -0.45 16.86
C HIS A 164 -12.55 -0.58 15.63
N MET A 165 -12.26 -1.57 14.78
CA MET A 165 -13.09 -1.71 13.58
C MET A 165 -13.83 -3.05 13.54
N GLN A 166 -14.94 -3.10 12.86
CA GLN A 166 -15.60 -4.39 12.59
C GLN A 166 -14.75 -5.28 11.66
N PRO A 167 -14.87 -6.59 11.80
CA PRO A 167 -14.15 -7.54 10.97
C PRO A 167 -14.51 -7.42 9.50
N THR A 168 -15.68 -6.85 9.20
CA THR A 168 -16.07 -6.62 7.82
C THR A 168 -15.57 -5.29 7.27
N HIS A 169 -15.05 -4.40 8.12
CA HIS A 169 -14.67 -3.08 7.61
C HIS A 169 -13.68 -3.24 6.44
N PRO A 170 -13.92 -2.58 5.31
CA PRO A 170 -13.05 -2.75 4.14
C PRO A 170 -11.56 -2.43 4.42
N ILE A 171 -11.32 -1.48 5.30
CA ILE A 171 -9.93 -1.10 5.59
C ILE A 171 -9.28 -2.20 6.40
N ARG A 172 -10.02 -2.77 7.35
CA ARG A 172 -9.50 -3.93 8.08
C ARG A 172 -9.25 -5.15 7.18
N LEU A 173 -10.18 -5.41 6.25
CA LEU A 173 -10.04 -6.51 5.32
C LEU A 173 -8.86 -6.29 4.36
N GLY A 174 -8.66 -5.05 3.90
CA GLY A 174 -7.58 -4.79 2.94
C GLY A 174 -6.25 -4.90 3.65
N LEU A 175 -6.20 -4.45 4.90
CA LEU A 175 -5.00 -4.68 5.74
C LEU A 175 -4.65 -6.16 5.83
N ALA A 176 -5.62 -6.99 6.23
CA ALA A 176 -5.34 -8.43 6.29
C ALA A 176 -4.81 -8.94 4.94
N LEU A 177 -5.44 -8.52 3.83
CA LEU A 177 -4.97 -8.94 2.51
C LEU A 177 -3.50 -8.63 2.30
N ASN A 178 -3.08 -7.38 2.51
CA ASN A 178 -1.68 -6.99 2.25
C ASN A 178 -0.71 -7.53 3.30
N TYR A 179 -1.13 -7.59 4.54
CA TYR A 179 -0.32 -8.17 5.59
C TYR A 179 -0.05 -9.63 5.27
N SER A 180 -1.06 -10.34 4.81
CA SER A 180 -0.79 -11.73 4.49
C SER A 180 0.08 -11.86 3.24
N VAL A 181 -0.08 -10.99 2.25
CA VAL A 181 0.82 -10.98 1.08
C VAL A 181 2.23 -10.72 1.57
N PHE A 182 2.38 -9.83 2.55
CA PHE A 182 3.71 -9.57 3.15
C PHE A 182 4.31 -10.88 3.66
N TYR A 183 3.53 -11.67 4.41
CA TYR A 183 4.08 -12.94 4.93
C TYR A 183 4.43 -13.90 3.81
N TYR A 184 3.55 -14.01 2.83
CA TYR A 184 3.75 -14.95 1.74
C TYR A 184 4.97 -14.63 0.86
N GLU A 185 5.07 -13.37 0.44
CA GLU A 185 6.00 -12.94 -0.64
C GLU A 185 7.31 -12.41 -0.08
N ILE A 186 7.23 -11.67 1.01
CA ILE A 186 8.46 -11.10 1.58
C ILE A 186 9.12 -12.06 2.59
N GLN A 187 8.41 -12.58 3.48
CA GLN A 187 8.97 -13.50 4.47
C GLN A 187 8.82 -14.96 4.06
N ASN A 188 8.19 -15.24 2.93
CA ASN A 188 8.10 -16.64 2.50
C ASN A 188 7.69 -17.57 3.63
N ALA A 189 6.64 -17.13 4.33
CA ALA A 189 6.03 -17.78 5.48
C ALA A 189 4.59 -18.09 5.07
N PRO A 190 4.43 -19.14 4.23
CA PRO A 190 3.11 -19.40 3.63
C PRO A 190 2.02 -19.84 4.65
N GLU A 191 2.42 -20.49 5.76
CA GLU A 191 1.46 -20.81 6.85
C GLU A 191 0.96 -19.58 7.60
N GLN A 192 1.88 -18.68 7.91
CA GLN A 192 1.54 -17.44 8.60
C GLN A 192 0.69 -16.56 7.72
N ALA A 193 0.85 -16.71 6.40
CA ALA A 193 0.08 -15.94 5.43
C ALA A 193 -1.35 -16.46 5.34
N CYS A 194 -1.48 -17.77 5.14
CA CYS A 194 -2.78 -18.40 5.05
C CYS A 194 -3.57 -18.25 6.37
N HIS A 195 -2.88 -18.32 7.50
CA HIS A 195 -3.60 -18.20 8.75
C HIS A 195 -4.25 -16.80 8.89
N LEU A 196 -3.46 -15.78 8.59
CA LEU A 196 -3.95 -14.43 8.65
C LEU A 196 -5.08 -14.19 7.68
N ALA A 197 -4.90 -14.60 6.42
CA ALA A 197 -5.97 -14.42 5.45
C ALA A 197 -7.26 -15.18 5.87
N LYS A 198 -7.09 -16.44 6.25
CA LYS A 198 -8.20 -17.31 6.64
C LYS A 198 -8.92 -16.74 7.87
N THR A 199 -8.15 -16.18 8.81
CA THR A 199 -8.74 -15.67 10.06
C THR A 199 -9.58 -14.44 9.71
N ALA A 200 -9.03 -13.54 8.91
CA ALA A 200 -9.70 -12.29 8.51
C ALA A 200 -11.02 -12.63 7.74
N PHE A 201 -10.92 -13.59 6.84
CA PHE A 201 -12.10 -14.03 6.10
C PHE A 201 -13.15 -14.65 7.06
N ASP A 202 -12.72 -15.60 7.88
CA ASP A 202 -13.63 -16.23 8.84
C ASP A 202 -14.33 -15.24 9.78
N ASP A 203 -13.56 -14.29 10.28
CA ASP A 203 -14.10 -13.32 11.24
C ASP A 203 -15.13 -12.42 10.55
N ALA A 204 -14.88 -12.02 9.30
CA ALA A 204 -15.91 -11.25 8.55
C ALA A 204 -17.16 -12.06 8.29
N ILE A 205 -16.98 -13.29 7.79
CA ILE A 205 -18.12 -14.18 7.54
C ILE A 205 -18.98 -14.33 8.79
N ALA A 206 -18.31 -14.55 9.92
CA ALA A 206 -18.97 -14.72 11.22
C ALA A 206 -19.84 -13.53 11.61
N GLU A 207 -19.56 -12.37 11.04
CA GLU A 207 -20.27 -11.17 11.37
C GLU A 207 -20.79 -10.39 10.19
N LEU A 208 -21.50 -10.98 9.18
CA LEU A 208 -22.08 -10.26 8.05
C LEU A 208 -23.03 -9.22 8.55
N ASP A 209 -23.47 -9.48 9.77
CA ASP A 209 -24.41 -8.45 10.25
C ASP A 209 -23.70 -7.12 10.48
N THR A 210 -22.37 -7.15 10.46
CA THR A 210 -21.59 -5.93 10.56
C THR A 210 -21.28 -5.26 9.21
N LEU A 211 -21.97 -5.63 8.14
CA LEU A 211 -21.73 -4.97 6.85
C LEU A 211 -22.45 -3.62 6.92
N ASN A 212 -21.96 -2.60 6.39
CA ASN A 212 -22.50 -1.23 6.35
C ASN A 212 -23.16 -1.05 4.98
N GLU A 213 -24.32 -0.40 4.97
CA GLU A 213 -25.03 -0.13 3.71
C GLU A 213 -24.25 0.75 2.73
N ASP A 214 -23.18 1.40 3.18
CA ASP A 214 -22.42 2.29 2.30
C ASP A 214 -21.16 1.61 1.80
N SER A 215 -20.83 0.45 2.36
CA SER A 215 -19.55 -0.16 2.05
C SER A 215 -19.58 -1.68 1.80
N TYR A 216 -20.76 -2.26 1.69
CA TYR A 216 -20.84 -3.74 1.72
C TYR A 216 -20.22 -4.33 0.45
N LYS A 217 -20.31 -3.60 -0.66
CA LYS A 217 -19.74 -4.08 -1.93
C LYS A 217 -18.23 -4.17 -1.79
N ASP A 218 -17.62 -3.12 -1.21
CA ASP A 218 -16.18 -3.15 -0.92
C ASP A 218 -15.77 -4.28 0.01
N SER A 219 -16.55 -4.47 1.09
CA SER A 219 -16.29 -5.58 2.01
C SER A 219 -16.33 -6.91 1.31
N THR A 220 -17.39 -7.16 0.53
CA THR A 220 -17.52 -8.50 -0.04
C THR A 220 -16.43 -8.74 -1.14
N LEU A 221 -16.10 -7.69 -1.86
CA LEU A 221 -15.06 -7.75 -2.89
C LEU A 221 -13.75 -8.19 -2.23
N ILE A 222 -13.38 -7.57 -1.10
CA ILE A 222 -12.08 -7.92 -0.51
C ILE A 222 -12.11 -9.30 0.15
N MET A 223 -13.27 -9.67 0.72
CA MET A 223 -13.48 -11.05 1.20
C MET A 223 -13.12 -12.02 0.08
N GLN A 224 -13.64 -11.78 -1.14
CA GLN A 224 -13.34 -12.66 -2.27
C GLN A 224 -11.84 -12.65 -2.59
N LEU A 225 -11.20 -11.49 -2.46
CA LEU A 225 -9.77 -11.41 -2.74
C LEU A 225 -8.98 -12.25 -1.77
N LEU A 226 -9.35 -12.19 -0.50
CA LEU A 226 -8.75 -13.09 0.53
C LEU A 226 -8.93 -14.57 0.14
N ARG A 227 -10.13 -14.94 -0.22
CA ARG A 227 -10.41 -16.28 -0.66
C ARG A 227 -9.59 -16.70 -1.88
N ASP A 228 -9.45 -15.82 -2.84
CA ASP A 228 -8.69 -16.11 -4.05
C ASP A 228 -7.26 -16.42 -3.63
N ASN A 229 -6.67 -15.58 -2.76
CA ASN A 229 -5.28 -15.85 -2.36
C ASN A 229 -5.14 -17.20 -1.62
N LEU A 230 -6.05 -17.46 -0.68
CA LEU A 230 -6.03 -18.73 0.08
C LEU A 230 -6.03 -19.94 -0.85
N THR A 231 -6.91 -19.89 -1.84
CA THR A 231 -7.04 -20.94 -2.85
C THR A 231 -5.73 -21.11 -3.64
N LEU A 232 -5.16 -20.00 -4.09
CA LEU A 232 -3.88 -20.04 -4.79
C LEU A 232 -2.81 -20.70 -3.91
N TRP A 233 -2.69 -20.21 -2.69
CA TRP A 233 -1.62 -20.63 -1.81
C TRP A 233 -1.75 -22.05 -1.28
N THR A 234 -2.96 -22.60 -1.24
CA THR A 234 -3.18 -23.92 -0.65
C THR A 234 -3.39 -25.00 -1.71
N SER B 6 -0.75 -7.15 -6.98
CA SER B 6 -0.28 -8.53 -7.27
C SER B 6 -1.34 -9.54 -6.72
N PRO B 7 -0.91 -10.29 -5.72
CA PRO B 7 -1.86 -10.82 -4.76
C PRO B 7 -2.22 -9.73 -3.75
N LEU B 9 -3.93 -5.69 -2.46
CA LEU B 9 -5.19 -4.95 -2.68
C LEU B 9 -5.09 -4.08 -3.92
N PRO B 10 -6.12 -4.27 -4.74
CA PRO B 10 -6.49 -3.40 -5.85
C PRO B 10 -6.60 -1.98 -5.34
N ASN B 11 -6.06 -1.13 -6.18
CA ASN B 11 -5.90 0.31 -5.97
C ASN B 11 -7.29 0.93 -5.85
N ILE B 12 -7.51 1.95 -5.03
CA ILE B 12 -8.92 2.37 -4.81
C ILE B 12 -9.68 2.88 -6.05
N THR B 13 -10.95 2.50 -6.23
CA THR B 13 -11.72 3.15 -7.31
C THR B 13 -12.32 4.49 -6.82
N LEU B 14 -12.02 5.55 -7.56
CA LEU B 14 -12.42 6.92 -7.16
C LEU B 14 -13.85 7.29 -7.63
#